data_5VSC
#
_entry.id   5VSC
#
_cell.length_a   56.440
_cell.length_b   78.430
_cell.length_c   73.060
_cell.angle_alpha   90.000
_cell.angle_beta   90.960
_cell.angle_gamma   90.000
#
_symmetry.space_group_name_H-M   'P 1 21 1'
#
loop_
_entity.id
_entity.type
_entity.pdbx_description
1 polymer 'Histone-lysine N-methyltransferase EHMT2'
2 non-polymer 'ZINC ION'
3 non-polymer S-ADENOSYLMETHIONINE
4 non-polymer 6,7-dimethoxy-N~2~-methyl-N~4~-(1-methylpiperidin-4-yl)-N~2~-propylquinazoline-2,4-diamine
5 water water
#
_entity_poly.entity_id   1
_entity_poly.type   'polypeptide(L)'
_entity_poly.pdbx_seq_one_letter_code
;IRTEKIICRDVARGYENVPIPCVNGVDGEPCPEDYKYISENCETSTMNIDRNITHLQHCTCVDDCSSSNCLCGQLSIRCW
YDKDGRLLQEFNKIEPPLIFECNQACSCWRNCKNRVVQSGIKVRLQLYRTAKMGWGVRALQTIPQGTFICEYVGELISDA
EADVREDDSYLFDLDNKDGEVYCIDARYYGNISRFINHLCDPNIIPVRVFMLHQDLRFPRIAFFSSRDIRTGEELGFDYG
DRFWDIKSKYFTCQCGSEKCKHSAEAIALEQSRLA
;
_entity_poly.pdbx_strand_id   A,B
#
loop_
_chem_comp.id
_chem_comp.type
_chem_comp.name
_chem_comp.formula
9HJ non-polymer 6,7-dimethoxy-N~2~-methyl-N~4~-(1-methylpiperidin-4-yl)-N~2~-propylquinazoline-2,4-diamine 'C20 H31 N5 O2'
SAM non-polymer S-ADENOSYLMETHIONINE 'C15 H22 N6 O5 S'
ZN non-polymer 'ZINC ION' 'Zn 2'
#
# COMPACT_ATOMS: atom_id res chain seq x y z
N THR A 3 10.39 -32.32 -21.23
CA THR A 3 10.22 -32.27 -19.77
C THR A 3 10.02 -30.83 -19.30
N GLU A 4 9.12 -30.65 -18.34
CA GLU A 4 8.80 -29.33 -17.79
C GLU A 4 9.69 -29.03 -16.59
N LYS A 5 10.41 -27.90 -16.64
CA LYS A 5 11.30 -27.48 -15.57
C LYS A 5 10.86 -26.14 -14.99
N ILE A 6 11.05 -25.96 -13.68
CA ILE A 6 10.74 -24.70 -13.00
C ILE A 6 11.90 -23.75 -13.26
N ILE A 7 11.70 -22.78 -14.14
CA ILE A 7 12.78 -21.89 -14.55
C ILE A 7 12.98 -20.68 -13.64
N CYS A 8 11.90 -20.11 -13.10
CA CYS A 8 11.94 -18.98 -12.18
C CYS A 8 11.00 -19.27 -11.03
N ARG A 9 11.50 -19.13 -9.80
CA ARG A 9 10.67 -19.45 -8.65
C ARG A 9 9.56 -18.43 -8.41
N ASP A 10 9.77 -17.17 -8.81
CA ASP A 10 8.75 -16.16 -8.58
C ASP A 10 8.96 -14.98 -9.53
N VAL A 11 8.11 -14.88 -10.56
CA VAL A 11 8.22 -13.76 -11.48
C VAL A 11 7.89 -12.43 -10.82
N ALA A 12 7.20 -12.47 -9.68
CA ALA A 12 6.81 -11.26 -8.97
C ALA A 12 7.87 -10.75 -8.01
N ARG A 13 9.00 -11.44 -7.87
CA ARG A 13 10.11 -10.99 -7.03
C ARG A 13 9.67 -10.73 -5.60
N GLY A 14 8.73 -11.54 -5.09
CA GLY A 14 8.27 -11.38 -3.72
C GLY A 14 7.24 -10.30 -3.50
N TYR A 15 6.73 -9.66 -4.56
CA TYR A 15 5.78 -8.57 -4.36
C TYR A 15 4.34 -9.02 -4.15
N GLU A 16 4.00 -10.28 -4.44
CA GLU A 16 2.66 -10.76 -4.18
C GLU A 16 2.60 -11.55 -2.88
N ASN A 17 1.38 -11.92 -2.47
CA ASN A 17 1.22 -12.69 -1.24
C ASN A 17 1.80 -14.09 -1.38
N VAL A 18 1.85 -14.59 -2.60
CA VAL A 18 2.36 -15.93 -2.88
C VAL A 18 3.29 -15.82 -4.07
N PRO A 19 4.23 -16.76 -4.21
CA PRO A 19 5.09 -16.74 -5.39
C PRO A 19 4.31 -17.15 -6.63
N ILE A 20 4.79 -16.68 -7.77
CA ILE A 20 4.24 -17.10 -9.06
C ILE A 20 5.39 -17.65 -9.89
N PRO A 21 5.61 -18.97 -9.87
CA PRO A 21 6.71 -19.55 -10.64
C PRO A 21 6.41 -19.62 -12.13
N CYS A 22 7.46 -19.83 -12.90
CA CYS A 22 7.41 -19.94 -14.35
C CYS A 22 8.02 -21.27 -14.75
N VAL A 23 7.33 -22.03 -15.60
CA VAL A 23 7.85 -23.28 -16.14
C VAL A 23 7.68 -23.25 -17.65
N ASN A 24 8.48 -24.08 -18.33
CA ASN A 24 8.37 -24.21 -19.77
C ASN A 24 8.69 -25.65 -20.11
N GLY A 25 7.67 -26.39 -20.55
CA GLY A 25 7.89 -27.73 -21.04
C GLY A 25 7.55 -27.89 -22.50
N VAL A 26 7.58 -26.78 -23.25
CA VAL A 26 7.17 -26.77 -24.65
C VAL A 26 8.33 -26.43 -25.58
N ASP A 27 9.10 -25.39 -25.27
CA ASP A 27 10.13 -24.90 -26.18
C ASP A 27 11.32 -24.37 -25.38
N GLY A 28 12.26 -23.72 -26.07
CA GLY A 28 13.45 -23.19 -25.46
C GLY A 28 13.39 -21.76 -24.99
N GLU A 29 12.20 -21.16 -24.90
CA GLU A 29 12.09 -19.75 -24.54
C GLU A 29 12.41 -19.57 -23.06
N PRO A 30 13.30 -18.66 -22.69
CA PRO A 30 13.59 -18.43 -21.27
C PRO A 30 12.50 -17.58 -20.64
N CYS A 31 12.59 -17.47 -19.32
CA CYS A 31 11.62 -16.69 -18.56
C CYS A 31 11.56 -15.29 -19.13
N PRO A 32 10.37 -14.73 -19.37
CA PRO A 32 10.29 -13.40 -19.99
C PRO A 32 10.87 -12.32 -19.09
N GLU A 33 11.72 -11.47 -19.69
CA GLU A 33 12.33 -10.36 -18.97
C GLU A 33 12.21 -9.02 -19.71
N ASP A 34 11.41 -8.95 -20.77
CA ASP A 34 11.27 -7.73 -21.55
C ASP A 34 10.18 -6.82 -21.02
N TYR A 35 10.01 -6.77 -19.72
CA TYR A 35 9.01 -5.92 -19.07
C TYR A 35 9.45 -5.80 -17.62
N LYS A 36 8.83 -4.88 -16.90
CA LYS A 36 9.09 -4.70 -15.48
C LYS A 36 7.88 -5.17 -14.70
N TYR A 37 8.07 -6.17 -13.83
CA TYR A 37 6.96 -6.64 -13.00
C TYR A 37 6.67 -5.60 -11.92
N ILE A 38 5.43 -5.13 -11.88
CA ILE A 38 4.95 -4.28 -10.80
C ILE A 38 3.67 -4.89 -10.25
N SER A 39 3.49 -4.79 -8.93
CA SER A 39 2.29 -5.38 -8.34
C SER A 39 1.13 -4.40 -8.24
N GLU A 40 1.38 -3.10 -8.38
CA GLU A 40 0.33 -2.09 -8.36
C GLU A 40 0.51 -1.13 -9.54
N ASN A 41 -0.59 -0.53 -9.98
CA ASN A 41 -0.54 0.33 -11.15
C ASN A 41 0.46 1.47 -10.96
N CYS A 42 1.10 1.85 -12.06
CA CYS A 42 2.05 2.96 -12.04
C CYS A 42 1.61 4.08 -12.96
N GLU A 43 2.24 5.25 -12.77
CA GLU A 43 2.01 6.44 -13.58
C GLU A 43 3.33 6.86 -14.23
N THR A 44 3.24 7.32 -15.48
CA THR A 44 4.39 7.84 -16.21
C THR A 44 4.15 9.27 -16.70
N SER A 45 3.08 9.90 -16.25
CA SER A 45 2.79 11.30 -16.55
C SER A 45 1.85 11.82 -15.47
N THR A 46 1.57 13.11 -15.50
CA THR A 46 0.70 13.70 -14.48
C THR A 46 -0.74 13.26 -14.69
N MET A 47 -1.27 12.48 -13.73
CA MET A 47 -2.66 12.02 -13.74
C MET A 47 -3.51 12.62 -12.63
N ASN A 48 -2.93 12.93 -11.48
CA ASN A 48 -3.65 13.52 -10.35
C ASN A 48 -4.87 12.70 -9.95
N ILE A 49 -4.65 11.40 -9.72
CA ILE A 49 -5.73 10.59 -9.16
C ILE A 49 -6.22 11.27 -7.91
N ASP A 50 -7.54 11.38 -7.77
CA ASP A 50 -8.12 12.06 -6.62
C ASP A 50 -7.96 11.17 -5.38
N ARG A 51 -7.00 11.51 -4.53
CA ARG A 51 -6.71 10.77 -3.32
C ARG A 51 -7.18 11.50 -2.06
N ASN A 52 -7.99 12.55 -2.21
CA ASN A 52 -8.49 13.29 -1.06
C ASN A 52 -9.39 12.38 -0.23
N ILE A 53 -9.00 12.15 1.03
CA ILE A 53 -9.72 11.19 1.88
C ILE A 53 -11.16 11.64 2.13
N THR A 54 -11.41 12.95 2.09
CA THR A 54 -12.77 13.45 2.31
C THR A 54 -13.67 13.24 1.10
N HIS A 55 -13.10 12.82 -0.04
CA HIS A 55 -13.91 12.51 -1.21
C HIS A 55 -14.36 11.06 -1.26
N LEU A 56 -13.97 10.26 -0.28
CA LEU A 56 -14.36 8.85 -0.24
C LEU A 56 -15.75 8.70 0.35
N GLN A 57 -16.63 8.03 -0.37
CA GLN A 57 -17.82 7.50 0.27
C GLN A 57 -17.40 6.32 1.13
N HIS A 58 -18.02 6.19 2.30
CA HIS A 58 -17.51 5.23 3.27
C HIS A 58 -18.65 4.84 4.20
N CYS A 59 -18.47 3.73 4.90
CA CYS A 59 -19.52 3.21 5.76
C CYS A 59 -19.22 3.51 7.23
N THR A 60 -20.25 3.33 8.06
CA THR A 60 -20.17 3.54 9.50
C THR A 60 -20.33 2.23 10.28
N CYS A 61 -20.16 1.11 9.61
CA CYS A 61 -20.39 -0.20 10.20
C CYS A 61 -19.41 -0.44 11.34
N VAL A 62 -19.90 -1.03 12.42
CA VAL A 62 -19.08 -1.53 13.51
C VAL A 62 -19.11 -3.04 13.60
N ASP A 63 -19.72 -3.71 12.62
CA ASP A 63 -19.63 -5.16 12.49
C ASP A 63 -18.65 -5.49 11.39
N ASP A 64 -18.83 -6.63 10.72
CA ASP A 64 -17.91 -7.07 9.67
C ASP A 64 -18.37 -6.66 8.27
N CYS A 65 -19.28 -5.70 8.16
CA CYS A 65 -19.79 -5.22 6.88
C CYS A 65 -20.54 -6.30 6.11
N SER A 66 -21.19 -7.20 6.82
CA SER A 66 -22.01 -8.24 6.20
C SER A 66 -23.49 -7.89 6.17
N SER A 67 -23.91 -6.74 6.70
CA SER A 67 -25.31 -6.38 6.67
C SER A 67 -25.65 -5.52 5.45
N SER A 68 -26.93 -5.51 5.09
CA SER A 68 -27.39 -4.70 3.97
C SER A 68 -27.31 -3.20 4.23
N ASN A 69 -27.02 -2.79 5.46
CA ASN A 69 -26.93 -1.38 5.80
C ASN A 69 -25.56 -0.77 5.50
N CYS A 70 -24.60 -1.57 5.06
CA CYS A 70 -23.29 -1.05 4.72
C CYS A 70 -23.39 -0.15 3.50
N LEU A 71 -23.03 1.13 3.68
CA LEU A 71 -23.12 2.08 2.57
C LEU A 71 -22.26 1.63 1.38
N CYS A 72 -21.09 1.08 1.66
CA CYS A 72 -20.20 0.65 0.57
C CYS A 72 -20.84 -0.45 -0.26
N GLY A 73 -21.50 -1.40 0.40
CA GLY A 73 -22.26 -2.41 -0.32
C GLY A 73 -23.39 -1.81 -1.14
N GLN A 74 -24.07 -0.81 -0.59
CA GLN A 74 -25.17 -0.18 -1.32
C GLN A 74 -24.68 0.53 -2.57
N LEU A 75 -23.43 1.04 -2.55
CA LEU A 75 -22.85 1.68 -3.73
C LEU A 75 -22.73 0.74 -4.92
N SER A 76 -22.79 -0.58 -4.70
CA SER A 76 -22.85 -1.56 -5.78
C SER A 76 -24.14 -2.34 -5.76
N ILE A 77 -25.23 -1.68 -5.36
CA ILE A 77 -26.55 -2.28 -5.14
C ILE A 77 -26.51 -3.07 -3.84
N ARG A 78 -25.59 -4.04 -3.76
CA ARG A 78 -25.36 -4.83 -2.55
C ARG A 78 -23.90 -5.28 -2.57
N CYS A 79 -23.38 -5.66 -1.40
CA CYS A 79 -22.08 -6.32 -1.40
C CYS A 79 -22.22 -7.66 -2.11
N TRP A 80 -21.34 -7.91 -3.08
CA TRP A 80 -21.45 -9.11 -3.89
C TRP A 80 -20.58 -10.24 -3.37
N TYR A 81 -19.91 -10.05 -2.24
CA TYR A 81 -19.03 -11.06 -1.68
C TYR A 81 -19.79 -11.86 -0.63
N ASP A 82 -19.69 -13.18 -0.71
CA ASP A 82 -20.20 -14.06 0.32
C ASP A 82 -19.25 -14.07 1.51
N LYS A 83 -19.51 -14.93 2.51
CA LYS A 83 -18.69 -14.93 3.70
C LYS A 83 -17.28 -15.43 3.44
N ASP A 84 -17.04 -16.06 2.29
CA ASP A 84 -15.74 -16.59 1.92
C ASP A 84 -15.02 -15.71 0.91
N GLY A 85 -15.54 -14.52 0.65
CA GLY A 85 -14.90 -13.60 -0.28
C GLY A 85 -15.18 -13.87 -1.74
N ARG A 86 -16.14 -14.72 -2.06
CA ARG A 86 -16.46 -15.07 -3.43
C ARG A 86 -17.69 -14.31 -3.90
N LEU A 87 -17.71 -14.00 -5.20
CA LEU A 87 -18.88 -13.35 -5.78
C LEU A 87 -20.13 -14.19 -5.60
N LEU A 88 -21.23 -13.50 -5.30
CA LEU A 88 -22.52 -14.13 -5.22
C LEU A 88 -22.87 -14.76 -6.56
N GLN A 89 -23.73 -15.76 -6.51
CA GLN A 89 -23.89 -16.62 -7.68
C GLN A 89 -24.79 -15.96 -8.73
N GLU A 90 -25.70 -15.13 -8.27
CA GLU A 90 -26.55 -14.19 -8.98
C GLU A 90 -25.76 -13.06 -9.61
N PHE A 91 -24.48 -12.94 -9.27
CA PHE A 91 -23.69 -11.82 -9.75
C PHE A 91 -23.81 -11.78 -11.27
N ASN A 92 -24.03 -10.60 -11.80
CA ASN A 92 -24.20 -10.45 -13.24
C ASN A 92 -22.82 -10.56 -13.87
N LYS A 93 -22.51 -11.73 -14.44
CA LYS A 93 -21.21 -11.91 -15.06
C LYS A 93 -21.15 -11.35 -16.47
N ILE A 94 -22.29 -11.02 -17.07
CA ILE A 94 -22.32 -10.42 -18.39
C ILE A 94 -22.14 -8.91 -18.32
N GLU A 95 -22.83 -8.25 -17.39
CA GLU A 95 -22.70 -6.80 -17.20
C GLU A 95 -22.44 -6.55 -15.72
N PRO A 96 -21.19 -6.70 -15.28
CA PRO A 96 -20.87 -6.59 -13.86
C PRO A 96 -21.05 -5.17 -13.37
N PRO A 97 -21.56 -4.99 -12.15
CA PRO A 97 -21.63 -3.65 -11.57
C PRO A 97 -20.26 -3.20 -11.11
N LEU A 98 -20.16 -1.91 -10.83
CA LEU A 98 -18.97 -1.38 -10.18
C LEU A 98 -18.98 -1.81 -8.71
N ILE A 99 -17.84 -2.29 -8.21
CA ILE A 99 -17.71 -2.68 -6.80
C ILE A 99 -16.98 -1.58 -6.05
N PHE A 100 -17.54 -1.15 -4.92
CA PHE A 100 -16.90 -0.20 -4.00
C PHE A 100 -16.54 -0.97 -2.73
N GLU A 101 -15.26 -1.28 -2.57
CA GLU A 101 -14.79 -1.93 -1.36
C GLU A 101 -14.67 -0.90 -0.24
N CYS A 102 -14.56 -1.40 0.99
CA CYS A 102 -14.34 -0.52 2.12
C CYS A 102 -12.92 0.05 2.03
N ASN A 103 -12.71 1.16 2.73
CA ASN A 103 -11.51 1.96 2.58
C ASN A 103 -11.11 2.55 3.94
N GLN A 104 -10.06 3.37 3.90
CA GLN A 104 -9.47 3.94 5.10
C GLN A 104 -10.36 4.96 5.79
N ALA A 105 -11.41 5.44 5.12
CA ALA A 105 -12.38 6.32 5.77
C ALA A 105 -13.51 5.58 6.46
N CYS A 106 -13.74 4.30 6.13
CA CYS A 106 -14.79 3.54 6.77
C CYS A 106 -14.48 3.29 8.23
N SER A 107 -15.54 3.13 9.02
CA SER A 107 -15.41 2.84 10.45
C SER A 107 -14.98 1.42 10.75
N CYS A 108 -15.08 0.53 9.77
CA CYS A 108 -14.91 -0.90 9.98
C CYS A 108 -13.44 -1.27 10.08
N TRP A 109 -13.19 -2.53 10.40
CA TRP A 109 -11.83 -3.03 10.52
C TRP A 109 -11.29 -3.53 9.19
N ARG A 110 -9.95 -3.64 9.13
CA ARG A 110 -9.27 -4.05 7.91
C ARG A 110 -9.65 -5.46 7.47
N ASN A 111 -10.25 -6.25 8.36
CA ASN A 111 -10.65 -7.61 8.02
C ASN A 111 -12.15 -7.74 7.74
N CYS A 112 -12.83 -6.66 7.40
CA CYS A 112 -14.25 -6.82 7.16
C CYS A 112 -14.48 -7.59 5.85
N LYS A 113 -15.74 -7.88 5.56
CA LYS A 113 -16.10 -8.76 4.44
C LYS A 113 -16.07 -8.08 3.07
N ASN A 114 -15.80 -6.78 3.02
CA ASN A 114 -15.87 -6.02 1.79
C ASN A 114 -14.49 -5.50 1.39
N ARG A 115 -13.49 -6.38 1.40
CA ARG A 115 -12.10 -5.99 1.10
C ARG A 115 -11.34 -7.08 0.36
N VAL A 116 -12.02 -7.79 -0.54
CA VAL A 116 -11.44 -8.96 -1.21
C VAL A 116 -10.28 -8.56 -2.12
N VAL A 117 -10.52 -7.64 -3.04
CA VAL A 117 -9.52 -7.31 -4.05
C VAL A 117 -8.32 -6.60 -3.41
N GLN A 118 -8.56 -5.71 -2.45
CA GLN A 118 -7.44 -5.01 -1.83
C GLN A 118 -6.54 -5.93 -1.02
N SER A 119 -6.98 -7.15 -0.73
CA SER A 119 -6.18 -8.10 0.03
C SER A 119 -5.24 -8.94 -0.83
N GLY A 120 -5.35 -8.85 -2.15
CA GLY A 120 -4.34 -9.42 -3.02
C GLY A 120 -4.58 -10.87 -3.41
N ILE A 121 -3.55 -11.42 -4.06
CA ILE A 121 -3.67 -12.75 -4.64
C ILE A 121 -3.63 -13.79 -3.53
N LYS A 122 -4.54 -14.76 -3.60
CA LYS A 122 -4.57 -15.88 -2.67
C LYS A 122 -4.41 -17.24 -3.33
N VAL A 123 -4.81 -17.38 -4.60
CA VAL A 123 -4.69 -18.65 -5.30
C VAL A 123 -3.27 -18.85 -5.84
N ARG A 124 -2.92 -20.12 -6.04
CA ARG A 124 -1.62 -20.48 -6.61
C ARG A 124 -1.75 -20.52 -8.13
N LEU A 125 -1.01 -19.65 -8.79
CA LEU A 125 -0.98 -19.50 -10.24
C LEU A 125 0.43 -19.84 -10.72
N GLN A 126 0.53 -20.09 -12.02
CA GLN A 126 1.82 -20.42 -12.61
C GLN A 126 1.86 -19.83 -14.01
N LEU A 127 2.97 -19.17 -14.32
CA LEU A 127 3.27 -18.76 -15.68
C LEU A 127 3.85 -19.97 -16.41
N TYR A 128 3.25 -20.33 -17.55
CA TYR A 128 3.68 -21.53 -18.27
C TYR A 128 3.67 -21.29 -19.77
N ARG A 129 4.43 -22.12 -20.48
CA ARG A 129 4.50 -22.01 -21.93
C ARG A 129 3.38 -22.83 -22.56
N THR A 130 2.52 -22.18 -23.33
CA THR A 130 1.43 -22.87 -23.99
C THR A 130 1.89 -23.48 -25.32
N ALA A 131 1.04 -24.30 -25.90
CA ALA A 131 1.37 -24.96 -27.17
C ALA A 131 1.34 -23.98 -28.33
N LYS A 132 0.43 -23.00 -28.31
CA LYS A 132 0.15 -22.20 -29.50
C LYS A 132 0.07 -20.70 -29.24
N MET A 133 0.06 -20.25 -27.98
CA MET A 133 -0.27 -18.87 -27.66
C MET A 133 0.83 -18.15 -26.90
N GLY A 134 2.05 -18.66 -26.93
CA GLY A 134 3.13 -18.05 -26.16
C GLY A 134 3.01 -18.40 -24.69
N TRP A 135 3.34 -17.46 -23.81
CA TRP A 135 3.15 -17.69 -22.39
C TRP A 135 1.67 -17.57 -22.03
N GLY A 136 1.28 -18.27 -20.97
CA GLY A 136 -0.06 -18.15 -20.44
C GLY A 136 -0.01 -18.38 -18.94
N VAL A 137 -1.17 -18.27 -18.31
CA VAL A 137 -1.28 -18.42 -16.86
C VAL A 137 -2.30 -19.52 -16.57
N ARG A 138 -1.93 -20.45 -15.70
CA ARG A 138 -2.84 -21.51 -15.31
C ARG A 138 -2.92 -21.63 -13.79
N ALA A 139 -3.98 -22.29 -13.35
CA ALA A 139 -4.21 -22.53 -11.93
C ALA A 139 -3.45 -23.76 -11.45
N LEU A 140 -2.86 -23.65 -10.27
CA LEU A 140 -2.21 -24.78 -9.60
C LEU A 140 -3.10 -25.42 -8.54
N GLN A 141 -4.39 -25.10 -8.56
CA GLN A 141 -5.34 -25.58 -7.56
C GLN A 141 -6.72 -25.45 -8.18
N THR A 142 -7.69 -26.13 -7.57
CA THR A 142 -9.07 -25.88 -7.96
C THR A 142 -9.49 -24.52 -7.45
N ILE A 143 -10.29 -23.82 -8.25
CA ILE A 143 -10.74 -22.46 -7.90
C ILE A 143 -12.25 -22.42 -8.07
N PRO A 144 -13.02 -22.28 -6.98
CA PRO A 144 -14.48 -22.22 -7.12
C PRO A 144 -14.90 -20.96 -7.88
N GLN A 145 -16.08 -21.06 -8.49
CA GLN A 145 -16.69 -19.91 -9.17
C GLN A 145 -16.76 -18.71 -8.23
N GLY A 146 -16.47 -17.52 -8.76
CA GLY A 146 -16.58 -16.30 -7.98
C GLY A 146 -15.36 -15.91 -7.20
N THR A 147 -14.25 -16.61 -7.35
CA THR A 147 -13.05 -16.34 -6.56
C THR A 147 -12.21 -15.25 -7.22
N PHE A 148 -11.71 -14.32 -6.41
CA PHE A 148 -10.78 -13.32 -6.91
C PHE A 148 -9.47 -14.00 -7.31
N ILE A 149 -8.99 -13.70 -8.51
CA ILE A 149 -7.79 -14.34 -9.04
C ILE A 149 -6.62 -13.37 -8.95
N CYS A 150 -6.72 -12.25 -9.65
CA CYS A 150 -5.64 -11.28 -9.74
C CYS A 150 -6.19 -10.02 -10.40
N GLU A 151 -5.43 -8.94 -10.28
CA GLU A 151 -5.79 -7.65 -10.86
C GLU A 151 -5.01 -7.44 -12.15
N TYR A 152 -5.63 -6.75 -13.11
CA TYR A 152 -4.92 -6.35 -14.33
C TYR A 152 -4.14 -5.08 -13.99
N VAL A 153 -2.83 -5.20 -13.81
CA VAL A 153 -1.97 -4.12 -13.33
C VAL A 153 -1.03 -3.69 -14.45
N GLY A 154 -0.82 -2.39 -14.57
CA GLY A 154 0.11 -1.87 -15.54
C GLY A 154 0.28 -0.37 -15.43
N GLU A 155 0.61 0.27 -16.54
CA GLU A 155 0.88 1.69 -16.63
C GLU A 155 -0.42 2.40 -17.02
N LEU A 156 -0.85 3.36 -16.19
CA LEU A 156 -2.04 4.14 -16.53
C LEU A 156 -1.69 5.18 -17.59
N ILE A 157 -2.43 5.17 -18.70
CA ILE A 157 -2.18 6.12 -19.78
C ILE A 157 -3.51 6.67 -20.28
N SER A 158 -3.44 7.87 -20.87
CA SER A 158 -4.63 8.44 -21.46
C SER A 158 -4.94 7.74 -22.77
N ASP A 159 -6.18 7.89 -23.23
CA ASP A 159 -6.52 7.32 -24.53
C ASP A 159 -5.73 7.98 -25.65
N ALA A 160 -5.43 9.28 -25.52
CA ALA A 160 -4.60 9.95 -26.52
C ALA A 160 -3.21 9.35 -26.57
N GLU A 161 -2.65 8.98 -25.42
CA GLU A 161 -1.36 8.30 -25.39
C GLU A 161 -1.47 6.89 -25.97
N ALA A 162 -2.54 6.16 -25.62
CA ALA A 162 -2.75 4.84 -26.21
C ALA A 162 -2.87 4.94 -27.74
N ASP A 163 -3.41 6.05 -28.25
CA ASP A 163 -3.58 6.22 -29.68
C ASP A 163 -2.26 6.31 -30.44
N VAL A 164 -1.15 6.57 -29.77
CA VAL A 164 0.14 6.69 -30.44
C VAL A 164 1.13 5.61 -30.06
N ARG A 165 0.70 4.59 -29.32
CA ARG A 165 1.63 3.55 -28.89
C ARG A 165 1.71 2.41 -29.89
N GLU A 166 2.94 2.04 -30.23
CA GLU A 166 3.18 0.99 -31.22
C GLU A 166 2.55 -0.34 -30.79
N ASP A 167 2.95 -0.84 -29.63
CA ASP A 167 2.57 -2.19 -29.20
C ASP A 167 1.29 -2.09 -28.38
N ASP A 168 0.17 -2.49 -28.98
CA ASP A 168 -1.12 -2.47 -28.32
C ASP A 168 -1.59 -3.87 -27.91
N SER A 169 -0.66 -4.81 -27.73
CA SER A 169 -1.02 -6.19 -27.40
C SER A 169 -1.34 -6.39 -25.93
N TYR A 170 -1.02 -5.41 -25.08
CA TYR A 170 -1.18 -5.50 -23.64
C TYR A 170 -1.96 -4.29 -23.12
N LEU A 171 -3.09 -3.96 -23.75
CA LEU A 171 -3.89 -2.80 -23.38
C LEU A 171 -5.26 -3.23 -22.88
N PHE A 172 -5.70 -2.63 -21.79
CA PHE A 172 -7.05 -2.82 -21.26
C PHE A 172 -7.72 -1.46 -21.18
N ASP A 173 -8.84 -1.29 -21.88
CA ASP A 173 -9.56 -0.02 -21.88
C ASP A 173 -10.36 0.11 -20.58
N LEU A 174 -10.25 1.26 -19.92
CA LEU A 174 -11.02 1.53 -18.70
C LEU A 174 -12.26 2.35 -19.00
N ASP A 175 -13.41 1.68 -19.05
CA ASP A 175 -14.71 2.34 -19.14
C ASP A 175 -14.90 3.14 -20.42
N GLU A 180 -13.97 11.43 -21.01
CA GLU A 180 -12.67 10.99 -21.46
C GLU A 180 -12.25 9.68 -20.78
N VAL A 181 -11.53 8.85 -21.51
CA VAL A 181 -11.25 7.49 -21.10
C VAL A 181 -9.74 7.27 -20.96
N TYR A 182 -9.39 6.29 -20.13
CA TYR A 182 -8.01 5.94 -19.85
C TYR A 182 -7.84 4.45 -20.06
N CYS A 183 -6.59 4.01 -20.02
CA CYS A 183 -6.22 2.64 -20.32
C CYS A 183 -5.12 2.18 -19.38
N ILE A 184 -5.03 0.88 -19.18
CA ILE A 184 -3.90 0.25 -18.52
C ILE A 184 -3.06 -0.42 -19.61
N ASP A 185 -1.83 0.04 -19.79
CA ASP A 185 -0.90 -0.57 -20.73
C ASP A 185 0.07 -1.42 -19.92
N ALA A 186 0.01 -2.73 -20.09
CA ALA A 186 0.89 -3.64 -19.37
C ALA A 186 2.11 -4.07 -20.20
N ARG A 187 2.39 -3.40 -21.32
CA ARG A 187 3.50 -3.82 -22.16
C ARG A 187 4.85 -3.65 -21.45
N TYR A 188 5.08 -2.48 -20.85
CA TYR A 188 6.39 -2.17 -20.28
C TYR A 188 6.44 -2.40 -18.78
N TYR A 189 5.33 -2.13 -18.09
CA TYR A 189 5.18 -2.39 -16.67
C TYR A 189 3.88 -3.17 -16.53
N GLY A 190 3.93 -4.33 -15.88
CA GLY A 190 2.70 -5.09 -15.67
C GLY A 190 2.92 -6.16 -14.62
N ASN A 191 1.82 -6.80 -14.21
CA ASN A 191 1.87 -7.93 -13.30
C ASN A 191 1.55 -9.23 -14.04
N ILE A 192 1.19 -10.28 -13.28
CA ILE A 192 0.94 -11.60 -13.88
C ILE A 192 -0.17 -11.55 -14.93
N SER A 193 -1.09 -10.59 -14.82
CA SER A 193 -2.24 -10.55 -15.71
C SER A 193 -1.86 -10.29 -17.15
N ARG A 194 -0.70 -9.67 -17.38
CA ARG A 194 -0.26 -9.36 -18.74
C ARG A 194 -0.04 -10.63 -19.53
N PHE A 195 0.06 -11.78 -18.85
CA PHE A 195 0.31 -13.04 -19.53
C PHE A 195 -0.95 -13.86 -19.77
N ILE A 196 -2.11 -13.38 -19.33
CA ILE A 196 -3.35 -14.13 -19.50
C ILE A 196 -3.82 -14.00 -20.95
N ASN A 197 -4.10 -15.13 -21.59
CA ASN A 197 -4.50 -15.19 -22.98
C ASN A 197 -6.01 -14.99 -23.14
N HIS A 198 -6.42 -14.77 -24.38
CA HIS A 198 -7.83 -14.67 -24.74
C HIS A 198 -8.42 -16.06 -24.91
N LEU A 199 -9.61 -16.27 -24.34
CA LEU A 199 -10.39 -17.45 -24.61
C LEU A 199 -11.77 -17.05 -25.09
N CYS A 200 -12.24 -17.69 -26.17
CA CYS A 200 -13.60 -17.46 -26.62
C CYS A 200 -14.63 -18.09 -25.68
N ASP A 201 -14.20 -19.05 -24.86
CA ASP A 201 -15.02 -19.62 -23.79
C ASP A 201 -14.31 -19.30 -22.48
N PRO A 202 -14.37 -18.06 -22.03
CA PRO A 202 -13.52 -17.62 -20.92
C PRO A 202 -13.94 -18.21 -19.59
N ASN A 203 -12.98 -18.28 -18.67
CA ASN A 203 -13.26 -18.72 -17.31
C ASN A 203 -13.02 -17.67 -16.24
N ILE A 204 -12.59 -16.46 -16.62
CA ILE A 204 -12.52 -15.33 -15.69
C ILE A 204 -13.19 -14.14 -16.33
N ILE A 205 -13.68 -13.23 -15.49
CA ILE A 205 -14.29 -11.97 -15.98
C ILE A 205 -13.66 -10.78 -15.28
N PRO A 206 -13.46 -9.68 -16.00
CA PRO A 206 -12.98 -8.44 -15.36
C PRO A 206 -14.13 -7.69 -14.71
N VAL A 207 -13.86 -7.17 -13.51
CA VAL A 207 -14.80 -6.36 -12.74
C VAL A 207 -14.10 -5.08 -12.35
N ARG A 208 -14.79 -3.95 -12.50
CA ARG A 208 -14.27 -2.65 -12.10
C ARG A 208 -14.47 -2.44 -10.60
N VAL A 209 -13.39 -2.09 -9.89
CA VAL A 209 -13.39 -2.01 -8.44
C VAL A 209 -12.73 -0.71 -7.98
N PHE A 210 -13.27 -0.14 -6.89
CA PHE A 210 -12.69 1.01 -6.20
C PHE A 210 -12.33 0.62 -4.78
N MET A 211 -11.13 1.04 -4.36
CA MET A 211 -10.61 0.69 -3.05
C MET A 211 -10.14 1.95 -2.32
N LEU A 212 -8.86 2.31 -2.44
CA LEU A 212 -8.30 3.41 -1.66
C LEU A 212 -8.65 4.78 -2.20
N HIS A 213 -9.17 4.88 -3.42
CA HIS A 213 -9.66 6.11 -4.01
C HIS A 213 -10.93 5.79 -4.78
N GLN A 214 -11.72 6.82 -5.08
CA GLN A 214 -12.94 6.65 -5.87
C GLN A 214 -12.95 7.58 -7.06
N ASP A 215 -11.78 7.78 -7.67
CA ASP A 215 -11.66 8.55 -8.90
C ASP A 215 -12.19 7.71 -10.05
N LEU A 216 -13.35 8.06 -10.57
CA LEU A 216 -14.05 7.22 -11.53
C LEU A 216 -13.31 7.06 -12.86
N ARG A 217 -12.32 7.90 -13.13
CA ARG A 217 -11.50 7.68 -14.32
C ARG A 217 -10.65 6.43 -14.21
N PHE A 218 -10.38 5.95 -13.00
CA PHE A 218 -9.38 4.91 -12.76
C PHE A 218 -9.94 3.76 -11.94
N PRO A 219 -10.95 3.05 -12.44
CA PRO A 219 -11.32 1.79 -11.81
C PRO A 219 -10.13 0.85 -11.88
N ARG A 220 -10.02 -0.02 -10.90
CA ARG A 220 -9.03 -1.09 -10.92
C ARG A 220 -9.72 -2.35 -11.41
N ILE A 221 -9.02 -3.14 -12.20
CA ILE A 221 -9.63 -4.25 -12.93
C ILE A 221 -9.30 -5.55 -12.21
N ALA A 222 -10.31 -6.18 -11.61
CA ALA A 222 -10.14 -7.41 -10.85
C ALA A 222 -10.73 -8.57 -11.66
N PHE A 223 -9.96 -9.63 -11.82
CA PHE A 223 -10.48 -10.84 -12.46
C PHE A 223 -11.02 -11.80 -11.40
N PHE A 224 -12.26 -12.25 -11.61
CA PHE A 224 -12.88 -13.28 -10.80
C PHE A 224 -13.21 -14.47 -11.69
N SER A 225 -13.13 -15.68 -11.14
CA SER A 225 -13.51 -16.85 -11.92
C SER A 225 -15.02 -16.84 -12.18
N SER A 226 -15.40 -17.14 -13.42
CA SER A 226 -16.81 -17.17 -13.81
C SER A 226 -17.43 -18.55 -13.66
N ARG A 227 -16.62 -19.55 -13.33
CA ARG A 227 -17.07 -20.92 -13.14
C ARG A 227 -16.00 -21.62 -12.31
N ASP A 228 -16.30 -22.83 -11.87
CA ASP A 228 -15.29 -23.64 -11.21
C ASP A 228 -14.15 -23.90 -12.18
N ILE A 229 -12.91 -23.69 -11.72
CA ILE A 229 -11.71 -23.91 -12.52
C ILE A 229 -10.95 -25.09 -11.91
N ARG A 230 -10.56 -26.05 -12.75
CA ARG A 230 -9.85 -27.20 -12.25
C ARG A 230 -8.34 -26.95 -12.24
N THR A 231 -7.64 -27.73 -11.43
CA THR A 231 -6.19 -27.62 -11.35
C THR A 231 -5.58 -27.84 -12.72
N GLY A 232 -4.64 -26.95 -13.09
CA GLY A 232 -3.96 -27.03 -14.37
C GLY A 232 -4.64 -26.34 -15.52
N GLU A 233 -5.87 -25.86 -15.32
CA GLU A 233 -6.61 -25.21 -16.40
C GLU A 233 -6.04 -23.82 -16.67
N GLU A 234 -5.90 -23.49 -17.95
CA GLU A 234 -5.43 -22.16 -18.32
C GLU A 234 -6.51 -21.11 -18.07
N LEU A 235 -6.10 -20.00 -17.47
CA LEU A 235 -7.00 -18.86 -17.28
C LEU A 235 -7.09 -18.06 -18.57
N GLY A 236 -8.28 -17.53 -18.85
CA GLY A 236 -8.45 -16.66 -19.99
C GLY A 236 -9.70 -15.84 -19.87
N PHE A 237 -9.63 -14.61 -20.39
CA PHE A 237 -10.79 -13.73 -20.49
C PHE A 237 -11.04 -13.36 -21.95
N ASP A 238 -12.20 -12.77 -22.19
CA ASP A 238 -12.58 -12.29 -23.52
C ASP A 238 -11.95 -10.91 -23.72
N TYR A 239 -10.94 -10.82 -24.59
CA TYR A 239 -10.29 -9.54 -24.84
C TYR A 239 -11.24 -8.53 -25.48
N GLY A 240 -12.29 -8.99 -26.14
CA GLY A 240 -13.28 -8.10 -26.72
C GLY A 240 -13.02 -7.76 -28.18
N ASP A 241 -13.98 -7.04 -28.76
CA ASP A 241 -13.99 -6.82 -30.19
C ASP A 241 -12.99 -5.78 -30.66
N ARG A 242 -12.67 -4.78 -29.83
CA ARG A 242 -11.67 -3.80 -30.23
C ARG A 242 -10.32 -4.48 -30.48
N PHE A 243 -9.90 -5.34 -29.55
CA PHE A 243 -8.68 -6.12 -29.75
C PHE A 243 -8.73 -6.90 -31.05
N TRP A 244 -9.79 -7.68 -31.24
CA TRP A 244 -9.82 -8.60 -32.38
C TRP A 244 -10.07 -7.90 -33.71
N ASP A 245 -10.82 -6.80 -33.70
CA ASP A 245 -10.93 -6.01 -34.93
C ASP A 245 -9.57 -5.53 -35.40
N ILE A 246 -8.68 -5.21 -34.47
CA ILE A 246 -7.34 -4.74 -34.84
C ILE A 246 -6.43 -5.91 -35.19
N LYS A 247 -6.41 -6.95 -34.36
CA LYS A 247 -5.37 -7.98 -34.46
C LYS A 247 -5.69 -9.10 -35.44
N SER A 248 -6.96 -9.28 -35.83
CA SER A 248 -7.33 -10.41 -36.69
C SER A 248 -6.52 -10.43 -37.98
N LYS A 249 -6.15 -9.26 -38.51
CA LYS A 249 -5.36 -9.23 -39.74
C LYS A 249 -3.91 -9.67 -39.53
N TYR A 250 -3.44 -9.76 -38.29
CA TYR A 250 -2.08 -10.19 -37.97
C TYR A 250 -2.00 -11.63 -37.49
N PHE A 251 -3.01 -12.09 -36.74
CA PHE A 251 -3.05 -13.47 -36.30
C PHE A 251 -4.49 -13.79 -35.90
N THR A 252 -4.78 -15.08 -35.82
CA THR A 252 -6.12 -15.58 -35.50
C THR A 252 -6.10 -16.35 -34.18
N CYS A 253 -7.30 -16.56 -33.63
CA CYS A 253 -7.43 -17.19 -32.33
C CYS A 253 -7.07 -18.67 -32.37
N GLN A 254 -6.31 -19.10 -31.38
CA GLN A 254 -5.92 -20.50 -31.22
C GLN A 254 -6.57 -21.16 -30.01
N CYS A 255 -7.67 -20.58 -29.50
CA CYS A 255 -8.24 -21.11 -28.26
C CYS A 255 -8.77 -22.53 -28.43
N GLY A 256 -9.16 -22.90 -29.65
CA GLY A 256 -9.59 -24.25 -29.94
C GLY A 256 -11.00 -24.59 -29.54
N SER A 257 -11.75 -23.62 -29.02
CA SER A 257 -13.13 -23.86 -28.60
C SER A 257 -14.03 -24.06 -29.82
N GLU A 258 -15.04 -24.91 -29.63
CA GLU A 258 -16.10 -25.00 -30.62
C GLU A 258 -16.89 -23.71 -30.76
N LYS A 259 -16.87 -22.84 -29.74
CA LYS A 259 -17.47 -21.52 -29.80
C LYS A 259 -16.53 -20.41 -30.29
N CYS A 260 -15.38 -20.74 -30.85
CA CYS A 260 -14.42 -19.71 -31.23
C CYS A 260 -15.00 -18.80 -32.31
N LYS A 261 -14.91 -17.48 -32.07
CA LYS A 261 -15.39 -16.49 -33.02
C LYS A 261 -14.25 -15.82 -33.73
N HIS A 262 -13.04 -16.17 -33.42
CA HIS A 262 -11.93 -15.39 -33.92
C HIS A 262 -10.86 -16.23 -34.59
N SER A 263 -11.14 -17.51 -34.85
CA SER A 263 -10.20 -18.33 -35.60
C SER A 263 -10.22 -17.95 -37.07
N ALA A 264 -9.20 -18.43 -37.79
CA ALA A 264 -9.16 -18.23 -39.24
C ALA A 264 -10.42 -18.79 -39.88
N GLU A 265 -10.86 -19.98 -39.46
CA GLU A 265 -12.11 -20.56 -39.95
C GLU A 265 -13.29 -19.65 -39.69
N ALA A 266 -13.46 -19.20 -38.45
CA ALA A 266 -14.61 -18.37 -38.11
C ALA A 266 -14.62 -17.08 -38.92
N ILE A 267 -13.47 -16.45 -39.05
CA ILE A 267 -13.36 -15.23 -39.84
C ILE A 267 -13.72 -15.50 -41.30
N ALA A 268 -13.26 -16.63 -41.84
CA ALA A 268 -13.52 -16.95 -43.24
C ALA A 268 -15.00 -17.23 -43.49
N LEU A 269 -15.66 -17.93 -42.55
CA LEU A 269 -17.08 -18.21 -42.72
C LEU A 269 -17.93 -16.96 -42.67
N GLU A 270 -17.50 -15.94 -41.91
CA GLU A 270 -18.25 -14.69 -41.88
C GLU A 270 -18.08 -13.90 -43.17
N GLN A 271 -16.86 -13.85 -43.70
CA GLN A 271 -16.64 -13.15 -44.97
C GLN A 271 -17.32 -13.86 -46.13
N SER A 272 -17.42 -15.19 -46.09
CA SER A 272 -18.09 -15.90 -47.17
C SER A 272 -19.59 -15.61 -47.20
N ARG A 273 -20.21 -15.41 -46.04
CA ARG A 273 -21.64 -15.09 -46.02
C ARG A 273 -21.90 -13.62 -46.36
N LEU A 274 -20.89 -12.77 -46.23
CA LEU A 274 -20.96 -11.42 -46.77
C LEU A 274 -21.24 -11.47 -48.27
N ALA A 275 -20.54 -12.35 -48.99
CA ALA A 275 -20.71 -12.48 -50.44
C ALA A 275 -21.91 -13.36 -50.77
N ILE B 1 -6.18 0.32 44.69
CA ILE B 1 -7.60 0.58 44.49
C ILE B 1 -7.98 0.43 43.02
N ARG B 2 -7.42 1.28 42.16
CA ARG B 2 -7.82 1.30 40.76
C ARG B 2 -7.10 0.21 39.97
N THR B 3 -7.87 -0.50 39.15
CA THR B 3 -7.38 -1.61 38.34
C THR B 3 -7.09 -1.13 36.92
N GLU B 4 -6.14 -1.81 36.27
CA GLU B 4 -5.85 -1.52 34.86
C GLU B 4 -6.87 -2.26 34.02
N LYS B 5 -7.55 -1.54 33.13
CA LYS B 5 -8.56 -2.14 32.27
C LYS B 5 -8.08 -2.07 30.81
N ILE B 6 -8.37 -3.12 30.04
CA ILE B 6 -8.13 -3.13 28.60
C ILE B 6 -9.35 -2.48 27.95
N ILE B 7 -9.15 -1.28 27.44
CA ILE B 7 -10.26 -0.50 26.88
C ILE B 7 -10.42 -0.62 25.37
N CYS B 8 -9.36 -0.95 24.64
CA CYS B 8 -9.48 -1.22 23.22
C CYS B 8 -8.53 -2.37 22.88
N ARG B 9 -9.03 -3.36 22.14
CA ARG B 9 -8.17 -4.47 21.73
C ARG B 9 -7.15 -4.04 20.67
N ASP B 10 -7.49 -3.08 19.83
CA ASP B 10 -6.56 -2.65 18.77
C ASP B 10 -7.02 -1.28 18.27
N VAL B 11 -6.30 -0.23 18.65
CA VAL B 11 -6.68 1.10 18.17
C VAL B 11 -6.50 1.24 16.68
N ALA B 12 -5.73 0.35 16.07
CA ALA B 12 -5.47 0.41 14.62
C ALA B 12 -6.50 -0.33 13.79
N ARG B 13 -7.48 -0.97 14.41
CA ARG B 13 -8.57 -1.65 13.68
C ARG B 13 -8.05 -2.66 12.67
N GLY B 14 -6.95 -3.34 13.01
CA GLY B 14 -6.41 -4.36 12.13
C GLY B 14 -5.54 -3.86 10.99
N TYR B 15 -5.25 -2.55 10.94
CA TYR B 15 -4.49 -2.00 9.83
C TYR B 15 -2.98 -2.13 9.98
N GLU B 16 -2.47 -2.43 11.17
CA GLU B 16 -1.03 -2.63 11.32
C GLU B 16 -0.71 -4.12 11.33
N ASN B 17 0.59 -4.44 11.31
CA ASN B 17 0.99 -5.84 11.30
C ASN B 17 0.62 -6.55 12.59
N VAL B 18 0.50 -5.80 13.68
CA VAL B 18 0.19 -6.32 15.01
C VAL B 18 -0.88 -5.43 15.62
N PRO B 19 -1.64 -5.95 16.59
CA PRO B 19 -2.59 -5.10 17.29
C PRO B 19 -1.86 -4.14 18.20
N ILE B 20 -2.49 -3.00 18.43
CA ILE B 20 -1.98 -2.03 19.41
C ILE B 20 -3.09 -1.79 20.42
N PRO B 21 -3.10 -2.51 21.54
CA PRO B 21 -4.18 -2.36 22.52
C PRO B 21 -4.03 -1.07 23.34
N CYS B 22 -5.14 -0.69 23.98
CA CYS B 22 -5.17 0.48 24.85
C CYS B 22 -5.63 0.04 26.23
N VAL B 23 -4.90 0.47 27.27
CA VAL B 23 -5.25 0.20 28.67
C VAL B 23 -5.25 1.49 29.45
N ASN B 24 -5.94 1.45 30.59
CA ASN B 24 -6.01 2.60 31.48
C ASN B 24 -6.13 2.09 32.91
N GLY B 25 -5.09 2.34 33.71
CA GLY B 25 -5.17 2.06 35.14
C GLY B 25 -5.02 3.31 35.98
N VAL B 26 -5.30 4.49 35.40
CA VAL B 26 -5.08 5.77 36.06
C VAL B 26 -6.38 6.50 36.34
N ASP B 27 -7.27 6.59 35.36
CA ASP B 27 -8.48 7.40 35.50
C ASP B 27 -9.62 6.74 34.72
N GLY B 28 -10.74 7.43 34.62
CA GLY B 28 -11.91 6.93 33.95
C GLY B 28 -12.02 7.24 32.47
N GLU B 29 -10.94 7.70 31.85
CA GLU B 29 -11.04 8.11 30.46
C GLU B 29 -11.18 6.89 29.56
N PRO B 30 -12.20 6.86 28.70
CA PRO B 30 -12.39 5.73 27.79
C PRO B 30 -11.43 5.84 26.60
N CYS B 31 -11.47 4.81 25.76
CA CYS B 31 -10.60 4.78 24.59
C CYS B 31 -10.78 6.04 23.77
N PRO B 32 -9.70 6.71 23.37
CA PRO B 32 -9.85 7.96 22.61
C PRO B 32 -10.50 7.69 21.26
N GLU B 33 -11.49 8.51 20.93
CA GLU B 33 -12.22 8.38 19.68
C GLU B 33 -12.35 9.69 18.92
N ASP B 34 -11.66 10.75 19.36
CA ASP B 34 -11.81 12.06 18.74
C ASP B 34 -10.85 12.27 17.58
N TYR B 35 -10.57 11.20 16.82
CA TYR B 35 -9.67 11.25 15.68
C TYR B 35 -9.98 10.01 14.86
N LYS B 36 -9.42 9.96 13.65
CA LYS B 36 -9.53 8.81 12.77
C LYS B 36 -8.18 8.14 12.66
N TYR B 37 -8.09 6.86 13.06
CA TYR B 37 -6.83 6.13 12.91
C TYR B 37 -6.61 5.80 11.44
N ILE B 38 -5.47 6.20 10.90
CA ILE B 38 -5.02 5.80 9.57
C ILE B 38 -3.62 5.25 9.69
N SER B 39 -3.31 4.22 8.90
CA SER B 39 -1.99 3.63 8.97
C SER B 39 -1.00 4.24 7.99
N GLU B 40 -1.48 4.98 7.00
CA GLU B 40 -0.63 5.67 6.03
C GLU B 40 -1.10 7.12 5.89
N ASN B 41 -0.19 8.01 5.51
CA ASN B 41 -0.53 9.42 5.41
C ASN B 41 -1.70 9.64 4.45
N CYS B 42 -2.52 10.63 4.79
CA CYS B 42 -3.65 10.99 3.94
C CYS B 42 -3.50 12.42 3.44
N GLU B 43 -4.28 12.74 2.42
CA GLU B 43 -4.31 14.05 1.81
C GLU B 43 -5.74 14.55 1.85
N THR B 44 -5.91 15.84 2.12
CA THR B 44 -7.23 16.49 2.15
C THR B 44 -7.29 17.65 1.18
N SER B 45 -6.29 17.78 0.32
CA SER B 45 -6.26 18.74 -0.76
C SER B 45 -5.26 18.19 -1.76
N THR B 46 -5.20 18.81 -2.93
CA THR B 46 -4.30 18.36 -3.98
C THR B 46 -2.85 18.71 -3.62
N MET B 47 -2.01 17.69 -3.48
CA MET B 47 -0.62 17.91 -3.13
C MET B 47 0.32 17.72 -4.30
N ASN B 48 -0.14 17.03 -5.35
CA ASN B 48 0.65 16.82 -6.56
C ASN B 48 2.01 16.20 -6.24
N ILE B 49 1.99 15.19 -5.37
CA ILE B 49 3.19 14.42 -5.10
C ILE B 49 3.67 13.77 -6.38
N ASP B 50 4.97 13.85 -6.63
CA ASP B 50 5.54 13.25 -7.85
C ASP B 50 5.60 11.74 -7.68
N ARG B 51 4.67 11.04 -8.35
CA ARG B 51 4.60 9.58 -8.30
C ARG B 51 5.01 8.94 -9.62
N ASN B 52 5.61 9.69 -10.53
CA ASN B 52 6.02 9.15 -11.82
C ASN B 52 7.12 8.10 -11.62
N ILE B 53 6.85 6.85 -12.05
CA ILE B 53 7.78 5.75 -11.76
C ILE B 53 9.13 5.98 -12.44
N THR B 54 9.13 6.70 -13.57
CA THR B 54 10.38 6.96 -14.28
C THR B 54 11.24 8.00 -13.59
N HIS B 55 10.73 8.68 -12.56
CA HIS B 55 11.52 9.63 -11.80
C HIS B 55 12.23 8.99 -10.61
N LEU B 56 12.01 7.71 -10.35
CA LEU B 56 12.62 7.06 -9.21
C LEU B 56 14.06 6.71 -9.52
N GLN B 57 14.98 7.14 -8.65
CA GLN B 57 16.29 6.52 -8.66
C GLN B 57 16.16 5.12 -8.06
N HIS B 58 16.89 4.16 -8.65
CA HIS B 58 16.67 2.78 -8.29
C HIS B 58 17.94 2.01 -8.56
N CYS B 59 18.05 0.84 -7.96
CA CYS B 59 19.28 0.07 -8.06
C CYS B 59 19.14 -1.03 -9.11
N THR B 60 20.31 -1.58 -9.50
CA THR B 60 20.40 -2.65 -10.47
C THR B 60 20.87 -3.93 -9.81
N CYS B 61 20.73 -4.01 -8.48
CA CYS B 61 21.29 -5.12 -7.72
C CYS B 61 20.57 -6.41 -8.11
N VAL B 62 21.34 -7.49 -8.19
CA VAL B 62 20.84 -8.84 -8.39
C VAL B 62 21.06 -9.72 -7.17
N ASP B 63 21.53 -9.15 -6.06
CA ASP B 63 21.63 -9.81 -4.78
C ASP B 63 20.57 -9.24 -3.83
N ASP B 64 20.85 -9.26 -2.53
CA ASP B 64 19.92 -8.75 -1.52
C ASP B 64 20.17 -7.29 -1.14
N CYS B 65 20.89 -6.54 -1.96
CA CYS B 65 21.20 -5.13 -1.72
C CYS B 65 22.09 -4.92 -0.51
N SER B 66 22.97 -5.87 -0.22
CA SER B 66 23.93 -5.72 0.87
C SER B 66 25.30 -5.28 0.39
N SER B 67 25.50 -5.07 -0.91
CA SER B 67 26.78 -4.65 -1.44
C SER B 67 26.86 -3.13 -1.52
N SER B 68 28.10 -2.62 -1.54
CA SER B 68 28.34 -1.19 -1.68
C SER B 68 27.96 -0.64 -3.05
N ASN B 69 27.58 -1.51 -3.99
CA ASN B 69 27.18 -1.08 -5.32
C ASN B 69 25.70 -0.73 -5.43
N CYS B 70 24.92 -0.91 -4.36
CA CYS B 70 23.49 -0.58 -4.40
C CYS B 70 23.32 0.93 -4.48
N LEU B 71 22.75 1.43 -5.58
CA LEU B 71 22.57 2.87 -5.75
C LEU B 71 21.74 3.45 -4.62
N CYS B 72 20.69 2.73 -4.21
CA CYS B 72 19.81 3.25 -3.18
C CYS B 72 20.57 3.46 -1.87
N GLY B 73 21.45 2.52 -1.52
CA GLY B 73 22.31 2.73 -0.37
C GLY B 73 23.24 3.92 -0.54
N GLN B 74 23.77 4.10 -1.75
CA GLN B 74 24.67 5.22 -2.02
C GLN B 74 23.97 6.56 -1.87
N LEU B 75 22.67 6.62 -2.17
CA LEU B 75 21.91 7.85 -1.99
C LEU B 75 21.89 8.33 -0.55
N SER B 76 22.22 7.46 0.41
CA SER B 76 22.42 7.86 1.79
C SER B 76 23.84 7.58 2.26
N ILE B 77 24.80 7.73 1.35
CA ILE B 77 26.21 7.39 1.58
C ILE B 77 26.32 5.87 1.60
N ARG B 78 25.58 5.21 2.49
CA ARG B 78 25.55 3.76 2.55
C ARG B 78 24.21 3.34 3.10
N CYS B 79 23.85 2.08 2.85
CA CYS B 79 22.71 1.50 3.56
C CYS B 79 23.05 1.41 5.04
N TRP B 80 22.17 1.93 5.88
CA TRP B 80 22.42 2.00 7.31
C TRP B 80 21.81 0.84 8.09
N TYR B 81 21.19 -0.12 7.41
CA TYR B 81 20.54 -1.24 8.07
C TYR B 81 21.48 -2.44 8.14
N ASP B 82 21.58 -3.05 9.33
CA ASP B 82 22.31 -4.31 9.49
C ASP B 82 21.44 -5.46 8.95
N LYS B 83 21.88 -6.72 9.11
CA LYS B 83 21.11 -7.80 8.47
C LYS B 83 19.75 -7.96 9.13
N ASP B 84 19.58 -7.41 10.34
CA ASP B 84 18.36 -7.59 11.11
C ASP B 84 17.46 -6.37 11.02
N GLY B 85 17.78 -5.45 10.11
CA GLY B 85 16.97 -4.27 9.90
C GLY B 85 17.21 -3.13 10.86
N ARG B 86 18.29 -3.17 11.64
CA ARG B 86 18.55 -2.13 12.63
C ARG B 86 19.63 -1.18 12.14
N LEU B 87 19.50 0.08 12.53
CA LEU B 87 20.50 1.08 12.17
C LEU B 87 21.86 0.70 12.73
N LEU B 88 22.90 0.95 11.93
CA LEU B 88 24.27 0.73 12.37
C LEU B 88 24.59 1.62 13.56
N GLN B 89 25.56 1.18 14.36
CA GLN B 89 25.90 1.90 15.58
C GLN B 89 26.48 3.27 15.26
N GLU B 90 27.22 3.38 14.15
CA GLU B 90 27.76 4.64 13.67
C GLU B 90 26.70 5.61 13.14
N PHE B 91 25.45 5.19 13.01
CA PHE B 91 24.43 6.06 12.43
C PHE B 91 24.41 7.38 13.17
N ASN B 92 24.34 8.47 12.41
CA ASN B 92 24.35 9.80 13.01
C ASN B 92 22.96 10.09 13.57
N LYS B 93 22.84 9.95 14.89
CA LYS B 93 21.57 10.19 15.59
C LYS B 93 21.33 11.66 15.89
N ILE B 94 22.33 12.52 15.70
CA ILE B 94 22.14 13.96 15.91
C ILE B 94 21.58 14.62 14.65
N GLU B 95 22.17 14.31 13.50
CA GLU B 95 21.74 14.85 12.21
C GLU B 95 21.62 13.68 11.25
N PRO B 96 20.51 12.95 11.29
CA PRO B 96 20.38 11.74 10.49
C PRO B 96 20.34 12.05 9.00
N PRO B 97 20.94 11.21 8.17
CA PRO B 97 20.82 11.40 6.72
C PRO B 97 19.43 11.00 6.24
N LEU B 98 19.11 11.42 5.02
CA LEU B 98 17.93 10.92 4.35
C LEU B 98 18.16 9.47 3.94
N ILE B 99 17.17 8.60 4.19
CA ILE B 99 17.25 7.20 3.80
C ILE B 99 16.41 6.98 2.55
N PHE B 100 17.01 6.36 1.53
CA PHE B 100 16.30 5.96 0.32
C PHE B 100 16.20 4.44 0.32
N GLU B 101 15.00 3.93 0.64
CA GLU B 101 14.76 2.50 0.58
C GLU B 101 14.57 2.07 -0.87
N CYS B 102 14.69 0.76 -1.10
CA CYS B 102 14.42 0.25 -2.43
C CYS B 102 12.93 0.37 -2.74
N ASN B 103 12.62 0.33 -4.04
CA ASN B 103 11.30 0.69 -4.52
C ASN B 103 10.92 -0.21 -5.69
N GLN B 104 9.74 0.07 -6.26
CA GLN B 104 9.16 -0.75 -7.30
C GLN B 104 9.93 -0.68 -8.61
N ALA B 105 10.83 0.28 -8.78
CA ALA B 105 11.68 0.35 -9.97
C ALA B 105 12.99 -0.42 -9.83
N CYS B 106 13.41 -0.75 -8.61
CA CYS B 106 14.66 -1.48 -8.42
C CYS B 106 14.52 -2.90 -8.95
N SER B 107 15.63 -3.47 -9.39
CA SER B 107 15.65 -4.85 -9.89
C SER B 107 15.56 -5.89 -8.78
N CYS B 108 15.78 -5.50 -7.54
CA CYS B 108 15.89 -6.43 -6.43
C CYS B 108 14.52 -6.93 -6.02
N TRP B 109 14.51 -7.90 -5.11
CA TRP B 109 13.28 -8.49 -4.62
C TRP B 109 12.72 -7.74 -3.43
N ARG B 110 11.44 -7.99 -3.15
CA ARG B 110 10.75 -7.30 -2.07
C ARG B 110 11.36 -7.58 -0.70
N ASN B 111 12.15 -8.64 -0.57
CA ASN B 111 12.76 -9.01 0.70
C ASN B 111 14.23 -8.57 0.80
N CYS B 112 14.66 -7.59 0.01
CA CYS B 112 16.05 -7.18 0.10
C CYS B 112 16.30 -6.47 1.42
N LYS B 113 17.57 -6.17 1.68
CA LYS B 113 17.96 -5.64 2.98
C LYS B 113 17.64 -4.17 3.18
N ASN B 114 17.14 -3.48 2.16
CA ASN B 114 16.93 -2.04 2.22
C ASN B 114 15.44 -1.70 2.16
N ARG B 115 14.62 -2.34 3.01
CA ARG B 115 13.16 -2.15 2.97
C ARG B 115 12.53 -2.21 4.35
N VAL B 116 13.21 -1.67 5.35
CA VAL B 116 12.75 -1.80 6.74
C VAL B 116 11.46 -1.02 6.98
N VAL B 117 11.45 0.27 6.67
CA VAL B 117 10.30 1.11 7.04
C VAL B 117 9.08 0.70 6.24
N GLN B 118 9.26 0.37 4.96
CA GLN B 118 8.10 0.01 4.16
C GLN B 118 7.45 -1.29 4.59
N SER B 119 8.10 -2.07 5.46
CA SER B 119 7.55 -3.32 5.94
C SER B 119 6.70 -3.16 7.20
N GLY B 120 6.66 -1.98 7.79
CA GLY B 120 5.68 -1.69 8.83
C GLY B 120 6.14 -2.05 10.24
N ILE B 121 5.17 -1.94 11.15
CA ILE B 121 5.48 -2.08 12.58
C ILE B 121 5.73 -3.54 12.91
N LYS B 122 6.80 -3.80 13.65
CA LYS B 122 7.12 -5.14 14.13
C LYS B 122 7.21 -5.24 15.63
N VAL B 123 7.55 -4.15 16.33
CA VAL B 123 7.64 -4.21 17.78
C VAL B 123 6.24 -4.15 18.38
N ARG B 124 6.12 -4.66 19.59
CA ARG B 124 4.86 -4.65 20.32
C ARG B 124 4.75 -3.41 21.21
N LEU B 125 3.76 -2.58 20.91
CA LEU B 125 3.50 -1.33 21.62
C LEU B 125 2.11 -1.37 22.26
N GLN B 126 1.90 -0.44 23.18
CA GLN B 126 0.62 -0.31 23.87
C GLN B 126 0.32 1.15 24.13
N LEU B 127 -0.91 1.57 23.82
CA LEU B 127 -1.40 2.87 24.23
C LEU B 127 -1.86 2.76 25.68
N TYR B 128 -1.36 3.64 26.55
CA TYR B 128 -1.71 3.57 27.96
C TYR B 128 -1.89 4.95 28.55
N ARG B 129 -2.62 5.02 29.67
CA ARG B 129 -2.86 6.29 30.33
C ARG B 129 -1.68 6.58 31.27
N THR B 130 -1.01 7.71 31.03
CA THR B 130 0.11 8.08 31.86
C THR B 130 -0.37 8.81 33.10
N ALA B 131 0.57 9.03 34.03
CA ALA B 131 0.22 9.69 35.29
C ALA B 131 -0.08 11.17 35.08
N LYS B 132 0.63 11.84 34.17
CA LYS B 132 0.63 13.30 34.11
C LYS B 132 0.52 13.85 32.70
N MET B 133 0.61 13.02 31.65
CA MET B 133 0.74 13.50 30.28
C MET B 133 -0.40 13.02 29.38
N GLY B 134 -1.51 12.56 29.94
CA GLY B 134 -2.58 12.04 29.12
C GLY B 134 -2.23 10.66 28.61
N TRP B 135 -2.60 10.34 27.37
CA TRP B 135 -2.22 9.06 26.77
C TRP B 135 -0.75 9.08 26.39
N GLY B 136 -0.14 7.91 26.41
CA GLY B 136 1.21 7.74 25.92
C GLY B 136 1.36 6.35 25.32
N VAL B 137 2.54 6.08 24.78
CA VAL B 137 2.83 4.82 24.10
C VAL B 137 4.04 4.20 24.78
N ARG B 138 3.92 2.92 25.14
CA ARG B 138 5.04 2.23 25.78
C ARG B 138 5.33 0.89 25.10
N ALA B 139 6.54 0.41 25.36
CA ALA B 139 6.98 -0.88 24.80
C ALA B 139 6.48 -2.03 25.66
N LEU B 140 6.04 -3.11 24.99
CA LEU B 140 5.66 -4.34 25.67
C LEU B 140 6.77 -5.37 25.66
N GLN B 141 7.97 -4.98 25.25
CA GLN B 141 9.11 -5.87 25.07
C GLN B 141 10.37 -5.01 25.05
N THR B 142 11.52 -5.66 25.19
CA THR B 142 12.78 -4.95 24.98
C THR B 142 12.96 -4.62 23.51
N ILE B 143 13.53 -3.45 23.23
CA ILE B 143 13.76 -3.02 21.85
C ILE B 143 15.21 -2.57 21.72
N PRO B 144 16.05 -3.26 20.95
CA PRO B 144 17.44 -2.84 20.83
C PRO B 144 17.55 -1.49 20.13
N GLN B 145 18.65 -0.80 20.41
CA GLN B 145 18.98 0.43 19.71
C GLN B 145 18.95 0.21 18.20
N GLY B 146 18.43 1.21 17.48
CA GLY B 146 18.42 1.18 16.03
C GLY B 146 17.24 0.51 15.39
N THR B 147 16.24 0.10 16.17
CA THR B 147 15.10 -0.63 15.65
C THR B 147 14.03 0.33 15.16
N PHE B 148 13.45 0.02 13.99
CA PHE B 148 12.31 0.80 13.51
C PHE B 148 11.12 0.56 14.42
N ILE B 149 10.48 1.65 14.85
CA ILE B 149 9.36 1.56 15.78
C ILE B 149 8.04 1.77 15.05
N CYS B 150 7.87 2.96 14.49
CA CYS B 150 6.62 3.32 13.82
C CYS B 150 6.90 4.60 13.04
N GLU B 151 5.98 4.92 12.14
CA GLU B 151 6.05 6.13 11.32
C GLU B 151 5.14 7.19 11.92
N TYR B 152 5.53 8.46 11.78
CA TYR B 152 4.63 9.56 12.18
C TYR B 152 3.67 9.77 11.02
N VAL B 153 2.43 9.32 11.17
CA VAL B 153 1.43 9.32 10.10
C VAL B 153 0.32 10.31 10.46
N GLY B 154 -0.15 11.04 9.45
CA GLY B 154 -1.24 11.97 9.63
C GLY B 154 -1.67 12.58 8.31
N GLU B 155 -2.22 13.78 8.41
CA GLU B 155 -2.76 14.51 7.26
C GLU B 155 -1.68 15.44 6.74
N LEU B 156 -1.31 15.28 5.47
CA LEU B 156 -0.34 16.17 4.86
C LEU B 156 -0.99 17.51 4.57
N ILE B 157 -0.39 18.59 5.06
CA ILE B 157 -0.92 19.93 4.86
C ILE B 157 0.20 20.88 4.50
N SER B 158 -0.17 21.97 3.84
CA SER B 158 0.76 23.02 3.51
C SER B 158 1.07 23.88 4.73
N ASP B 159 2.15 24.63 4.63
CA ASP B 159 2.52 25.58 5.67
C ASP B 159 1.42 26.62 5.88
N ALA B 160 0.80 27.09 4.80
CA ALA B 160 -0.28 28.06 4.91
C ALA B 160 -1.50 27.48 5.63
N GLU B 161 -1.80 26.20 5.37
CA GLU B 161 -2.91 25.57 6.07
C GLU B 161 -2.59 25.37 7.55
N ALA B 162 -1.38 24.91 7.87
CA ALA B 162 -0.99 24.79 9.27
C ALA B 162 -1.08 26.14 9.98
N ASP B 163 -0.79 27.22 9.27
CA ASP B 163 -0.84 28.55 9.87
C ASP B 163 -2.23 28.97 10.30
N VAL B 164 -3.28 28.31 9.82
CA VAL B 164 -4.65 28.69 10.17
C VAL B 164 -5.36 27.65 11.02
N ARG B 165 -4.65 26.63 11.49
CA ARG B 165 -5.28 25.58 12.27
C ARG B 165 -5.20 25.89 13.77
N GLU B 166 -6.34 25.80 14.44
CA GLU B 166 -6.41 26.11 15.87
C GLU B 166 -5.52 25.19 16.69
N ASP B 167 -5.73 23.88 16.55
CA ASP B 167 -5.07 22.90 17.41
C ASP B 167 -3.76 22.48 16.75
N ASP B 168 -2.65 22.97 17.28
CA ASP B 168 -1.31 22.67 16.78
C ASP B 168 -0.54 21.70 17.67
N SER B 169 -1.25 20.90 18.47
CA SER B 169 -0.59 19.99 19.40
C SER B 169 -0.10 18.70 18.75
N TYR B 170 -0.50 18.42 17.52
CA TYR B 170 -0.17 17.17 16.81
C TYR B 170 0.43 17.50 15.45
N LEU B 171 1.40 18.41 15.41
CA LEU B 171 1.99 18.83 14.15
C LEU B 171 3.45 18.41 14.11
N PHE B 172 3.87 17.86 12.98
CA PHE B 172 5.28 17.56 12.73
C PHE B 172 5.70 18.30 11.46
N ASP B 173 6.67 19.20 11.59
CA ASP B 173 7.10 20.02 10.47
C ASP B 173 7.99 19.21 9.53
N LEU B 174 7.69 19.27 8.23
CA LEU B 174 8.60 18.80 7.20
C LEU B 174 9.23 20.08 6.66
N ASP B 175 10.45 20.38 7.12
CA ASP B 175 11.17 21.64 6.90
C ASP B 175 10.55 22.76 7.70
N GLY B 179 12.35 25.23 -0.94
CA GLY B 179 11.11 25.85 -1.38
C GLY B 179 10.00 25.82 -0.35
N GLU B 180 8.78 25.55 -0.81
CA GLU B 180 7.63 25.58 0.07
C GLU B 180 7.64 24.38 1.03
N VAL B 181 7.06 24.58 2.20
CA VAL B 181 7.22 23.67 3.31
C VAL B 181 5.87 23.01 3.62
N TYR B 182 5.93 21.80 4.15
CA TYR B 182 4.73 21.03 4.47
C TYR B 182 4.82 20.50 5.89
N CYS B 183 3.70 19.98 6.37
CA CYS B 183 3.56 19.53 7.73
C CYS B 183 2.70 18.27 7.73
N ILE B 184 2.90 17.42 8.74
CA ILE B 184 1.98 16.33 9.00
C ILE B 184 1.16 16.70 10.24
N ASP B 185 -0.15 16.84 10.06
CA ASP B 185 -1.04 17.13 11.17
C ASP B 185 -1.76 15.84 11.55
N ALA B 186 -1.48 15.35 12.76
CA ALA B 186 -2.07 14.11 13.24
C ALA B 186 -3.26 14.36 14.16
N ARG B 187 -3.78 15.60 14.21
CA ARG B 187 -4.89 15.88 15.11
C ARG B 187 -6.16 15.14 14.71
N TYR B 188 -6.55 15.21 13.44
CA TYR B 188 -7.81 14.64 13.00
C TYR B 188 -7.65 13.26 12.38
N TYR B 189 -6.54 13.01 11.70
CA TYR B 189 -6.19 11.73 11.13
C TYR B 189 -4.77 11.42 11.59
N GLY B 190 -4.57 10.25 12.20
CA GLY B 190 -3.22 9.90 12.62
C GLY B 190 -3.12 8.44 12.97
N ASN B 191 -1.87 8.00 13.17
CA ASN B 191 -1.63 6.63 13.64
C ASN B 191 -1.18 6.65 15.09
N ILE B 192 -0.58 5.55 15.54
CA ILE B 192 -0.17 5.43 16.94
C ILE B 192 0.80 6.54 17.34
N SER B 193 1.55 7.09 16.38
CA SER B 193 2.56 8.07 16.73
C SER B 193 1.96 9.35 17.30
N ARG B 194 0.69 9.63 17.00
CA ARG B 194 0.05 10.84 17.50
C ARG B 194 -0.04 10.83 19.02
N PHE B 195 0.13 9.67 19.64
CA PHE B 195 0.02 9.54 21.09
C PHE B 195 1.38 9.54 21.78
N ILE B 196 2.47 9.63 21.03
CA ILE B 196 3.80 9.63 21.64
C ILE B 196 4.09 11.00 22.25
N ASN B 197 4.49 10.99 23.52
CA ASN B 197 4.75 12.21 24.26
C ASN B 197 6.17 12.72 24.03
N HIS B 198 6.42 13.95 24.47
CA HIS B 198 7.74 14.54 24.41
C HIS B 198 8.59 14.08 25.60
N LEU B 199 9.84 13.71 25.32
CA LEU B 199 10.82 13.46 26.36
C LEU B 199 12.04 14.34 26.11
N CYS B 200 12.52 15.02 27.16
CA CYS B 200 13.75 15.80 27.02
C CYS B 200 14.97 14.90 26.88
N ASP B 201 14.89 13.64 27.31
CA ASP B 201 15.92 12.63 27.10
C ASP B 201 15.27 11.54 26.26
N PRO B 202 15.12 11.78 24.96
CA PRO B 202 14.28 10.89 24.15
C PRO B 202 14.95 9.55 23.89
N ASN B 203 14.11 8.56 23.62
CA ASN B 203 14.60 7.23 23.27
C ASN B 203 14.28 6.83 21.85
N ILE B 204 13.62 7.70 21.08
CA ILE B 204 13.43 7.49 19.64
C ILE B 204 13.82 8.77 18.91
N ILE B 205 14.23 8.61 17.65
CA ILE B 205 14.58 9.75 16.79
C ILE B 205 13.82 9.67 15.47
N PRO B 206 13.39 10.80 14.92
CA PRO B 206 12.78 10.79 13.59
C PRO B 206 13.84 10.82 12.51
N VAL B 207 13.61 10.02 11.47
CA VAL B 207 14.47 9.93 10.30
C VAL B 207 13.61 10.10 9.05
N ARG B 208 14.09 10.90 8.10
CA ARG B 208 13.35 11.11 6.85
C ARG B 208 13.66 9.96 5.89
N VAL B 209 12.60 9.38 5.33
CA VAL B 209 12.72 8.16 4.51
C VAL B 209 11.90 8.31 3.23
N PHE B 210 12.44 7.77 2.14
CA PHE B 210 11.75 7.69 0.86
C PHE B 210 11.57 6.24 0.45
N MET B 211 10.37 5.91 0.00
CA MET B 211 10.00 4.55 -0.37
C MET B 211 9.38 4.54 -1.75
N LEU B 212 8.05 4.64 -1.85
CA LEU B 212 7.39 4.47 -3.15
C LEU B 212 7.51 5.68 -4.07
N HIS B 213 7.90 6.84 -3.53
CA HIS B 213 8.16 8.04 -4.32
C HIS B 213 9.40 8.70 -3.74
N GLN B 214 10.00 9.61 -4.51
CA GLN B 214 11.17 10.36 -4.06
C GLN B 214 10.95 11.86 -4.20
N ASP B 215 9.72 12.30 -3.93
CA ASP B 215 9.42 13.73 -3.90
C ASP B 215 9.95 14.30 -2.60
N LEU B 216 11.06 15.06 -2.68
CA LEU B 216 11.77 15.49 -1.48
C LEU B 216 10.97 16.45 -0.60
N ARG B 217 9.87 17.01 -1.11
CA ARG B 217 8.99 17.82 -0.27
C ARG B 217 8.25 16.98 0.77
N PHE B 218 8.14 15.68 0.52
CA PHE B 218 7.27 14.79 1.30
C PHE B 218 8.04 13.60 1.82
N PRO B 219 9.07 13.81 2.65
CA PRO B 219 9.67 12.69 3.35
C PRO B 219 8.64 12.05 4.26
N ARG B 220 8.80 10.76 4.48
CA ARG B 220 8.03 10.05 5.49
C ARG B 220 8.89 9.96 6.75
N ILE B 221 8.26 10.10 7.91
CA ILE B 221 8.98 10.27 9.16
C ILE B 221 8.98 8.97 9.91
N ALA B 222 10.13 8.31 10.00
CA ALA B 222 10.26 7.02 10.65
C ALA B 222 10.97 7.17 11.98
N PHE B 223 10.36 6.66 13.05
CA PHE B 223 11.01 6.67 14.35
C PHE B 223 11.82 5.41 14.54
N PHE B 224 13.08 5.57 14.91
CA PHE B 224 13.97 4.47 15.30
C PHE B 224 14.41 4.69 16.74
N SER B 225 14.62 3.59 17.46
CA SER B 225 15.12 3.74 18.82
C SER B 225 16.56 4.26 18.80
N SER B 226 16.83 5.23 19.68
CA SER B 226 18.16 5.82 19.77
C SER B 226 19.03 5.13 20.80
N ARG B 227 18.46 4.21 21.57
CA ARG B 227 19.17 3.45 22.59
C ARG B 227 18.33 2.20 22.85
N ASP B 228 18.88 1.27 23.62
CA ASP B 228 18.09 0.13 24.07
C ASP B 228 16.92 0.62 24.91
N ILE B 229 15.73 0.11 24.62
CA ILE B 229 14.51 0.46 25.33
C ILE B 229 14.06 -0.75 26.14
N ARG B 230 13.74 -0.53 27.41
CA ARG B 230 13.36 -1.60 28.31
C ARG B 230 11.86 -1.87 28.23
N THR B 231 11.48 -3.10 28.59
CA THR B 231 10.07 -3.46 28.63
C THR B 231 9.33 -2.50 29.55
N GLY B 232 8.19 -1.99 29.09
CA GLY B 232 7.37 -1.07 29.86
C GLY B 232 7.76 0.39 29.75
N GLU B 233 8.88 0.69 29.09
CA GLU B 233 9.34 2.06 29.01
C GLU B 233 8.48 2.86 28.02
N GLU B 234 8.13 4.08 28.42
CA GLU B 234 7.39 4.97 27.55
C GLU B 234 8.29 5.49 26.43
N LEU B 235 7.77 5.48 25.21
CA LEU B 235 8.47 6.07 24.08
C LEU B 235 8.31 7.58 24.09
N GLY B 236 9.35 8.28 23.65
CA GLY B 236 9.24 9.72 23.49
C GLY B 236 10.31 10.25 22.57
N PHE B 237 9.94 11.28 21.81
CA PHE B 237 10.90 12.01 20.99
C PHE B 237 10.94 13.47 21.45
N ASP B 238 11.95 14.20 20.98
CA ASP B 238 12.09 15.61 21.28
C ASP B 238 11.21 16.38 20.30
N TYR B 239 10.13 16.97 20.80
CA TYR B 239 9.24 17.74 19.94
C TYR B 239 9.94 18.97 19.37
N GLY B 240 10.97 19.48 20.04
CA GLY B 240 11.73 20.60 19.53
C GLY B 240 11.26 21.94 20.05
N ASP B 241 12.03 22.97 19.68
CA ASP B 241 11.86 24.30 20.25
C ASP B 241 10.65 25.03 19.70
N ARG B 242 10.25 24.77 18.45
CA ARG B 242 9.05 25.41 17.92
C ARG B 242 7.83 25.05 18.75
N PHE B 243 7.66 23.76 19.05
CA PHE B 243 6.57 23.32 19.91
C PHE B 243 6.62 24.02 21.26
N TRP B 244 7.76 23.96 21.94
CA TRP B 244 7.83 24.44 23.32
C TRP B 244 7.83 25.96 23.41
N ASP B 245 8.36 26.66 22.41
CA ASP B 245 8.25 28.11 22.41
C ASP B 245 6.78 28.55 22.43
N ILE B 246 5.91 27.78 21.77
CA ILE B 246 4.49 28.10 21.73
C ILE B 246 3.79 27.61 23.00
N LYS B 247 4.07 26.38 23.41
CA LYS B 247 3.26 25.71 24.43
C LYS B 247 3.68 25.98 25.85
N SER B 248 4.92 26.45 26.09
CA SER B 248 5.40 26.62 27.46
C SER B 248 4.51 27.55 28.27
N LYS B 249 3.89 28.54 27.64
CA LYS B 249 3.00 29.43 28.37
C LYS B 249 1.69 28.77 28.79
N TYR B 250 1.35 27.60 28.23
CA TYR B 250 0.12 26.90 28.58
C TYR B 250 0.33 25.72 29.51
N PHE B 251 1.46 25.01 29.38
CA PHE B 251 1.77 23.90 30.27
C PHE B 251 3.28 23.67 30.19
N THR B 252 3.80 22.95 31.19
CA THR B 252 5.22 22.67 31.28
C THR B 252 5.48 21.18 31.15
N CYS B 253 6.74 20.84 30.91
CA CYS B 253 7.12 19.45 30.67
C CYS B 253 7.05 18.65 31.95
N GLN B 254 6.47 17.45 31.86
CA GLN B 254 6.38 16.52 32.98
C GLN B 254 7.24 15.27 32.77
N CYS B 255 8.24 15.34 31.88
CA CYS B 255 9.00 14.14 31.56
C CYS B 255 9.78 13.61 32.77
N GLY B 256 10.12 14.48 33.71
CA GLY B 256 10.76 14.04 34.93
C GLY B 256 12.24 13.79 34.84
N SER B 257 12.86 14.02 33.69
CA SER B 257 14.29 13.84 33.56
C SER B 257 15.01 14.93 34.35
N GLU B 258 16.16 14.56 34.92
CA GLU B 258 17.01 15.56 35.53
C GLU B 258 17.53 16.54 34.48
N LYS B 259 17.59 16.10 33.23
CA LYS B 259 17.98 16.95 32.12
C LYS B 259 16.80 17.67 31.48
N CYS B 260 15.65 17.71 32.14
CA CYS B 260 14.49 18.37 31.56
C CYS B 260 14.78 19.85 31.34
N LYS B 261 14.54 20.33 30.13
CA LYS B 261 14.75 21.73 29.78
C LYS B 261 13.46 22.52 29.65
N HIS B 262 12.30 21.89 29.90
CA HIS B 262 11.03 22.55 29.66
C HIS B 262 10.07 22.44 30.85
N SER B 263 10.55 21.98 32.00
CA SER B 263 9.74 21.95 33.21
C SER B 263 9.55 23.36 33.78
N ALA B 264 8.58 23.48 34.68
CA ALA B 264 8.37 24.74 35.39
C ALA B 264 9.66 25.18 36.08
N GLU B 265 10.35 24.23 36.73
CA GLU B 265 11.63 24.51 37.36
C GLU B 265 12.64 25.04 36.35
N ALA B 266 12.84 24.32 35.25
CA ALA B 266 13.83 24.73 34.27
C ALA B 266 13.51 26.10 33.69
N ILE B 267 12.22 26.35 33.38
CA ILE B 267 11.82 27.66 32.88
C ILE B 267 12.11 28.75 33.91
N ALA B 268 11.83 28.45 35.19
CA ALA B 268 12.05 29.43 36.24
C ALA B 268 13.53 29.73 36.44
N LEU B 269 14.38 28.70 36.35
CA LEU B 269 15.81 28.93 36.53
C LEU B 269 16.38 29.79 35.40
N GLU B 270 15.80 29.67 34.20
CA GLU B 270 16.21 30.52 33.08
C GLU B 270 15.74 31.96 33.30
N GLN B 271 14.55 32.13 33.87
CA GLN B 271 14.07 33.48 34.16
C GLN B 271 14.94 34.15 35.21
N SER B 272 15.40 33.37 36.19
CA SER B 272 16.26 33.92 37.23
C SER B 272 17.65 34.27 36.71
N ARG B 273 18.13 33.55 35.70
CA ARG B 273 19.47 33.84 35.21
C ARG B 273 19.50 35.10 34.36
N LEU B 274 18.37 35.47 33.73
CA LEU B 274 18.25 36.79 33.13
C LEU B 274 18.38 37.89 34.16
N ALA B 275 17.69 37.75 35.29
CA ALA B 275 17.69 38.78 36.32
C ALA B 275 18.93 38.69 37.21
ZN ZN C . -16.02 -2.66 5.84
ZN ZN D . -17.07 0.60 4.09
ZN ZN E . -19.63 -1.39 6.06
ZN ZN F . -11.17 -18.53 -29.97
N SAM G . 0.80 -14.93 -24.78
CA SAM G . 1.28 -13.58 -24.40
C SAM G . 2.76 -13.64 -24.15
O SAM G . 3.38 -14.70 -24.41
OXT SAM G . 3.33 -12.62 -23.70
CB SAM G . 0.55 -13.06 -23.16
CG SAM G . -0.79 -12.43 -23.57
SD SAM G . -0.67 -10.92 -24.29
CE SAM G . -1.52 -9.89 -23.31
C5' SAM G . -1.53 -10.94 -25.73
C4' SAM G . -0.90 -11.75 -26.89
O4' SAM G . -0.93 -13.16 -26.63
C3' SAM G . -1.65 -11.61 -28.20
O3' SAM G . -1.31 -10.40 -28.91
C2' SAM G . -1.21 -12.86 -28.94
O2' SAM G . 0.15 -12.71 -29.37
C1' SAM G . -1.23 -13.89 -27.83
N9 SAM G . -2.59 -14.46 -27.66
C8 SAM G . -3.39 -14.25 -26.61
N7 SAM G . -4.55 -14.93 -26.77
C5 SAM G . -4.46 -15.58 -27.97
C6 SAM G . -5.32 -16.41 -28.66
N6 SAM G . -6.54 -16.75 -28.19
N1 SAM G . -4.92 -16.88 -29.86
C2 SAM G . -3.72 -16.58 -30.36
N3 SAM G . -2.87 -15.78 -29.71
C4 SAM G . -3.23 -15.27 -28.51
C4 9HJ H . -7.03 -0.53 -27.50
C5 9HJ H . -6.19 -0.69 -28.60
C6 9HJ H . -5.72 0.43 -29.28
C7 9HJ H . -10.47 4.31 -26.33
N1 9HJ H . -6.10 1.67 -28.88
N3 9HJ H . -7.39 0.73 -27.14
C1 9HJ H . -6.87 4.26 -28.19
C2 9HJ H . -6.92 1.82 -27.81
CAB 9HJ H . -8.48 -3.94 -25.49
CAC 9HJ H . -5.20 -4.62 -29.88
CAD 9HJ H . -2.06 3.45 -33.80
CAE 9HJ H . -7.49 -1.66 -26.82
CAF 9HJ H . -5.81 -1.97 -29.00
CAJ 9HJ H . -9.58 3.17 -26.79
CAK 9HJ H . -8.16 3.33 -26.26
CAL 9HJ H . -2.99 1.67 -30.63
CAM 9HJ H . -5.03 2.18 -31.85
CAN 9HJ H . -2.12 2.22 -31.76
CAO 9HJ H . -4.21 2.72 -33.03
CAW 9HJ H . -7.11 -2.94 -27.23
CAX 9HJ H . -6.27 -3.10 -28.31
CBB 9HJ H . -4.20 1.04 -31.29
NAR 9HJ H . -7.32 3.11 -27.42
NAS 9HJ H . -4.90 0.19 -30.32
NBC 9HJ H . -2.86 3.18 -32.61
OAT 9HJ H . -7.55 -4.06 -26.57
OAU 9HJ H . -5.92 -4.38 -28.67
ZN ZN I . 16.89 -3.63 -2.84
ZN ZN J . 17.10 -0.30 -4.73
ZN ZN K . 20.16 -2.49 -4.42
ZN ZN L . 11.19 17.48 30.10
N SAM M . -0.62 12.87 25.51
CA SAM M . -1.28 13.17 24.21
C SAM M . -2.72 12.71 24.24
O SAM M . -3.21 12.28 25.31
OXT SAM M . -3.39 12.80 23.19
CB SAM M . -0.52 12.52 23.05
CG SAM M . 0.63 13.41 22.57
SD SAM M . 0.16 14.80 21.75
CE SAM M . 0.91 14.73 20.28
C5' SAM M . 0.88 16.14 22.44
C4' SAM M . 0.29 16.61 23.78
O4' SAM M . 0.54 15.67 24.84
C3' SAM M . 0.87 17.92 24.33
O3' SAM M . 0.26 19.09 23.75
C2' SAM M . 0.55 17.81 25.81
O2' SAM M . -0.84 18.02 26.04
C1' SAM M . 0.84 16.35 26.06
N9 SAM M . 2.29 16.14 26.33
C8 SAM M . 3.14 15.49 25.51
N7 SAM M . 4.38 15.48 26.04
C5 SAM M . 4.29 16.13 27.24
C6 SAM M . 5.23 16.42 28.22
N6 SAM M . 6.53 16.06 28.12
N1 SAM M . 4.83 17.10 29.30
C2 SAM M . 3.57 17.48 29.44
N3 SAM M . 2.62 17.22 28.52
C4 SAM M . 2.98 16.53 27.41
C4 9HJ N . 4.18 24.01 14.14
C5 9HJ N . 3.28 24.71 14.94
C6 9HJ N . 2.57 25.77 14.38
C7 9HJ N . 5.12 23.51 8.35
N1 9HJ N . 2.75 26.11 13.09
N3 9HJ N . 4.35 24.37 12.84
C1 9HJ N . 2.93 26.84 10.46
C2 9HJ N . 3.64 25.41 12.33
CAB 9HJ N . 6.37 20.81 15.85
CAC 9HJ N . 2.97 23.67 19.06
CAD 9HJ N . -1.99 30.52 14.38
CAE 9HJ N . 4.91 22.94 14.69
CAF 9HJ N . 3.10 24.35 16.27
CAJ 9HJ N . 4.16 24.10 9.36
CAK 9HJ N . 4.84 25.21 10.15
CAL 9HJ N . -0.48 27.08 14.35
CAM 9HJ N . 1.34 28.72 14.28
CAN 9HJ N . -1.51 28.19 14.57
CAO 9HJ N . 0.33 29.84 14.55
CAW 9HJ N . 4.72 22.60 16.03
CAX 9HJ N . 3.83 23.30 16.81
CBB 9HJ N . 0.78 27.53 15.06
NAR 9HJ N . 3.81 25.80 10.98
NAS 9HJ N . 1.71 26.41 15.22
NBC 9HJ N . -1.01 29.47 14.04
OAT 9HJ N . 5.40 21.56 16.61
OAU 9HJ N . 3.70 22.88 18.11
#